data_7QC0
#
_entry.id   7QC0
#
_cell.length_a   89.028
_cell.length_b   94.532
_cell.length_c   128.774
_cell.angle_alpha   90.000
_cell.angle_beta   90.000
_cell.angle_gamma   90.000
#
_symmetry.space_group_name_H-M   'P 21 21 2'
#
loop_
_entity.id
_entity.type
_entity.pdbx_description
1 polymer 'Cadmium translocating P-type ATPase'
2 non-polymer 'BERYLLIUM TRIFLUORIDE ION'
3 non-polymer 'MAGNESIUM ION'
4 water water
#
_entity_poly.entity_id   1
_entity_poly.type   'polypeptide(L)'
_entity_poly.pdbx_seq_one_letter_code
;MRKVVADLNAVEEENMPENHTPDDGHNHAHGGFLNRILGGRAEVIFAVLCGICLLLGWLGPKYGIMSEQFGFGLLLAAYF
FGGYFTLREAVEKISKGQFQIDFLMLVAASGAAILGEWAEGAFLLFLFSVGHALENYAMGRARNAVAALAGLTPDEALVR
RGDKTETVLIENLLVGDIVVVRSNERLPADGFVVKGSSAVNQAPITGESAPVDKLPVDDPEFAAANLDKLTPQTRVFAGS
INGSGSLDVQVTKLSGESTLARVVTLVAEAQTRQSPTQNFTKKFEKIFVPCVIALAFVTSFSFLILDETAAQSFYRAMAV
LVAASPCALAIATPSAVLSGVARAARGGVLIKGGAPLEAMGHLDAIAFDKTGTLTIGEPHLVEITPYGDATETELLQVSA
AVEMLSDHPLAQAVVRDVKDRLGDLPSEASDFANIIGQGVSAKVDSKVVHIGKTALFESVAGLPLPDDLRGTVEAMSQNG
RTTMIVRSGDRYLGAIGLMDTPREDARSVIAALRDLGLKRMMMISGDNQNVANAVAKEVGLDTAFGDLMPEDKVTKIAAL
KADGGVAMVGDGVNDAPAMANATVGIAMGAAGSDVALETADIALMADDLQTLPFAVGLSRKTSRIIRLNLWFSLGVVALL
IPATLFGLGIGPAVLVHEGSTLVVVANALRLLAFKDNRVKSA
;
_entity_poly.pdbx_strand_id   A
#
# COMPACT_ATOMS: atom_id res chain seq x y z
N ARG A 41 -1.27 -29.20 -2.46
CA ARG A 41 0.12 -29.56 -2.71
C ARG A 41 1.08 -28.54 -2.08
N ALA A 42 1.48 -28.80 -0.84
CA ALA A 42 2.48 -28.00 -0.15
C ALA A 42 3.35 -28.91 0.71
N GLU A 43 4.64 -28.59 0.80
CA GLU A 43 5.62 -29.47 1.43
C GLU A 43 5.66 -29.33 2.95
N VAL A 44 4.94 -28.36 3.52
CA VAL A 44 4.98 -28.14 4.96
C VAL A 44 4.55 -29.38 5.74
N ILE A 45 3.64 -30.17 5.18
CA ILE A 45 3.23 -31.40 5.85
C ILE A 45 4.32 -32.46 5.89
N PHE A 46 5.35 -32.36 5.05
CA PHE A 46 6.52 -33.21 5.27
C PHE A 46 7.21 -32.89 6.58
N ALA A 47 7.22 -31.61 6.96
CA ALA A 47 7.73 -31.28 8.27
C ALA A 47 6.84 -31.84 9.36
N VAL A 48 5.53 -31.80 9.14
CA VAL A 48 4.62 -32.42 10.09
C VAL A 48 4.87 -33.91 10.15
N LEU A 49 5.09 -34.54 8.99
CA LEU A 49 5.36 -35.97 9.03
C LEU A 49 6.71 -36.26 9.67
N CYS A 50 7.71 -35.41 9.45
CA CYS A 50 8.93 -35.52 10.24
C CYS A 50 8.66 -35.41 11.73
N GLY A 51 7.71 -34.55 12.12
CA GLY A 51 7.36 -34.50 13.52
C GLY A 51 6.75 -35.80 14.01
N ILE A 52 5.74 -36.29 13.26
CA ILE A 52 5.07 -37.53 13.67
C ILE A 52 6.05 -38.69 13.67
N CYS A 53 6.90 -38.76 12.65
CA CYS A 53 7.89 -39.81 12.59
C CYS A 53 8.97 -39.62 13.65
N LEU A 54 9.43 -38.38 13.88
CA LEU A 54 10.42 -38.16 14.93
C LEU A 54 9.87 -38.44 16.32
N LEU A 55 8.66 -37.98 16.63
CA LEU A 55 8.11 -38.24 17.95
C LEU A 55 7.85 -39.72 18.20
N LEU A 56 7.13 -40.37 17.29
CA LEU A 56 6.73 -41.76 17.53
C LEU A 56 7.93 -42.70 17.40
N GLY A 57 8.86 -42.38 16.49
CA GLY A 57 10.09 -43.14 16.42
C GLY A 57 11.00 -42.92 17.61
N TRP A 58 10.94 -41.73 18.22
CA TRP A 58 11.72 -41.49 19.44
C TRP A 58 11.02 -42.05 20.69
N LEU A 59 9.71 -41.81 20.82
CA LEU A 59 9.00 -42.20 22.03
C LEU A 59 8.75 -43.71 22.08
N GLY A 60 8.12 -44.25 21.03
CA GLY A 60 7.62 -45.61 21.04
C GLY A 60 8.60 -46.68 21.46
N PRO A 61 9.80 -46.70 20.88
CA PRO A 61 10.79 -47.74 21.26
C PRO A 61 11.25 -47.66 22.71
N LYS A 62 10.96 -46.58 23.44
CA LYS A 62 11.57 -46.36 24.76
C LYS A 62 10.52 -46.11 25.83
N TYR A 63 9.41 -45.47 25.46
CA TYR A 63 8.31 -45.22 26.38
C TYR A 63 6.98 -45.74 25.81
N GLY A 64 7.04 -46.74 24.95
CA GLY A 64 5.84 -47.31 24.38
C GLY A 64 6.09 -48.71 23.86
N ILE A 65 5.10 -49.24 23.16
CA ILE A 65 5.15 -50.61 22.64
C ILE A 65 5.49 -50.59 21.16
N MET A 66 6.76 -50.41 20.83
CA MET A 66 7.18 -50.36 19.44
C MET A 66 8.55 -51.03 19.31
N SER A 67 8.73 -51.76 18.21
CA SER A 67 10.04 -52.31 17.86
C SER A 67 10.99 -51.21 17.44
N GLU A 68 12.25 -51.35 17.85
CA GLU A 68 13.30 -50.51 17.30
C GLU A 68 13.42 -50.67 15.79
N GLN A 69 13.02 -51.83 15.25
CA GLN A 69 12.91 -51.97 13.80
C GLN A 69 11.88 -51.01 13.22
N PHE A 70 10.76 -50.84 13.93
CA PHE A 70 9.71 -49.96 13.45
C PHE A 70 10.01 -48.50 13.80
N GLY A 71 10.41 -48.23 15.03
CA GLY A 71 10.76 -46.86 15.38
C GLY A 71 11.97 -46.34 14.61
N PHE A 72 12.90 -47.22 14.24
CA PHE A 72 13.93 -46.84 13.28
C PHE A 72 13.37 -46.60 11.89
N GLY A 73 12.38 -47.39 11.44
CA GLY A 73 11.76 -47.09 10.17
C GLY A 73 11.04 -45.74 10.17
N LEU A 74 10.51 -45.34 11.32
CA LEU A 74 10.01 -43.98 11.49
C LEU A 74 11.11 -42.94 11.43
N LEU A 75 12.24 -43.19 12.10
CA LEU A 75 13.39 -42.30 11.96
C LEU A 75 13.84 -42.19 10.50
N LEU A 76 13.75 -43.29 9.75
CA LEU A 76 14.05 -43.25 8.32
C LEU A 76 13.09 -42.33 7.59
N ALA A 77 11.79 -42.45 7.87
CA ALA A 77 10.84 -41.55 7.26
C ALA A 77 11.11 -40.10 7.64
N ALA A 78 11.53 -39.86 8.89
CA ALA A 78 11.91 -38.53 9.35
C ALA A 78 13.15 -38.01 8.64
N TYR A 79 13.97 -38.88 8.06
CA TYR A 79 15.02 -38.41 7.15
C TYR A 79 14.54 -38.24 5.72
N PHE A 80 13.64 -39.12 5.25
CA PHE A 80 13.13 -39.03 3.88
C PHE A 80 12.34 -37.74 3.66
N PHE A 81 11.31 -37.51 4.49
CA PHE A 81 10.51 -36.30 4.39
C PHE A 81 11.35 -35.06 4.69
N GLY A 82 12.32 -35.17 5.59
CA GLY A 82 13.17 -34.03 5.89
C GLY A 82 14.06 -33.68 4.71
N GLY A 83 14.61 -34.70 4.07
CA GLY A 83 15.65 -34.51 3.08
C GLY A 83 15.14 -34.09 1.72
N TYR A 84 13.95 -34.54 1.31
CA TYR A 84 13.65 -34.51 -0.11
C TYR A 84 13.54 -33.08 -0.64
N PHE A 85 12.98 -32.17 0.16
CA PHE A 85 12.97 -30.76 -0.22
C PHE A 85 14.25 -30.00 0.18
N THR A 86 14.75 -30.20 1.40
CA THR A 86 15.94 -29.48 1.85
C THR A 86 17.17 -29.79 1.00
N LEU A 87 17.22 -30.97 0.39
CA LEU A 87 18.28 -31.34 -0.56
C LEU A 87 18.37 -30.33 -1.70
N ARG A 88 17.23 -30.04 -2.33
CA ARG A 88 17.26 -29.43 -3.66
C ARG A 88 17.87 -28.05 -3.62
N GLU A 89 17.74 -27.33 -2.50
CA GLU A 89 18.31 -25.99 -2.42
C GLU A 89 19.80 -26.01 -2.74
N ALA A 90 20.52 -26.90 -2.05
CA ALA A 90 21.95 -27.04 -2.27
C ALA A 90 22.23 -27.64 -3.64
N VAL A 91 21.54 -28.72 -4.00
CA VAL A 91 21.81 -29.35 -5.31
C VAL A 91 21.68 -28.31 -6.43
N GLU A 92 20.58 -27.55 -6.41
CA GLU A 92 20.26 -26.60 -7.45
C GLU A 92 21.30 -25.49 -7.53
N LYS A 93 21.59 -24.83 -6.40
CA LYS A 93 22.52 -23.70 -6.52
C LYS A 93 23.96 -24.16 -6.71
N ILE A 94 24.38 -25.22 -6.02
CA ILE A 94 25.76 -25.67 -6.13
C ILE A 94 26.06 -26.36 -7.47
N SER A 95 25.03 -26.67 -8.27
CA SER A 95 25.33 -27.09 -9.64
C SER A 95 26.06 -25.99 -10.42
N LYS A 96 25.77 -24.73 -10.13
CA LYS A 96 26.59 -23.61 -10.58
C LYS A 96 26.20 -22.39 -9.75
N GLY A 97 27.08 -21.99 -8.83
CA GLY A 97 26.76 -20.95 -7.87
C GLY A 97 27.70 -20.93 -6.69
N GLN A 98 27.16 -20.73 -5.48
CA GLN A 98 28.00 -20.61 -4.30
C GLN A 98 27.39 -21.36 -3.13
N PHE A 99 28.22 -21.60 -2.12
CA PHE A 99 27.86 -22.35 -0.92
C PHE A 99 26.84 -21.61 -0.06
N GLN A 100 26.06 -22.38 0.71
CA GLN A 100 24.97 -21.84 1.52
C GLN A 100 24.67 -22.78 2.68
N ILE A 101 23.99 -22.23 3.69
CA ILE A 101 23.62 -22.96 4.92
C ILE A 101 22.91 -24.28 4.62
N ASP A 102 22.14 -24.32 3.52
CA ASP A 102 21.41 -25.55 3.17
C ASP A 102 22.37 -26.70 2.90
N PHE A 103 23.63 -26.39 2.60
CA PHE A 103 24.65 -27.41 2.50
C PHE A 103 25.01 -27.93 3.89
N LEU A 104 25.26 -26.99 4.82
CA LEU A 104 25.66 -27.34 6.17
C LEU A 104 24.65 -28.28 6.83
N MET A 105 23.41 -27.82 7.01
CA MET A 105 22.48 -28.60 7.82
C MET A 105 22.13 -29.94 7.18
N LEU A 106 22.15 -29.98 5.84
CA LEU A 106 21.82 -31.18 5.11
C LEU A 106 22.91 -32.24 5.25
N VAL A 107 24.18 -31.83 5.20
CA VAL A 107 25.21 -32.83 5.45
C VAL A 107 25.37 -33.10 6.95
N ALA A 108 25.03 -32.13 7.80
CA ALA A 108 25.07 -32.35 9.25
C ALA A 108 24.21 -33.54 9.65
N ALA A 109 23.05 -33.68 9.01
CA ALA A 109 22.21 -34.83 9.35
C ALA A 109 22.89 -36.13 8.95
N SER A 110 23.57 -36.12 7.80
CA SER A 110 24.24 -37.32 7.31
C SER A 110 25.35 -37.72 8.28
N GLY A 111 26.10 -36.72 8.77
CA GLY A 111 27.13 -37.00 9.74
C GLY A 111 26.54 -37.59 11.00
N ALA A 112 25.39 -37.06 11.42
CA ALA A 112 24.78 -37.54 12.66
C ALA A 112 24.40 -39.01 12.53
N ALA A 113 23.84 -39.40 11.38
CA ALA A 113 23.53 -40.81 11.17
C ALA A 113 24.78 -41.67 11.08
N ILE A 114 25.79 -41.22 10.32
CA ILE A 114 26.99 -42.03 10.10
C ILE A 114 27.76 -42.25 11.40
N LEU A 115 27.91 -41.22 12.21
CA LEU A 115 28.73 -41.28 13.41
C LEU A 115 27.86 -40.99 14.62
N GLY A 116 28.00 -41.82 15.66
CA GLY A 116 27.19 -41.67 16.85
C GLY A 116 25.70 -41.58 16.55
N GLU A 117 25.15 -42.60 15.88
CA GLU A 117 23.75 -42.51 15.45
C GLU A 117 22.86 -42.23 16.66
N TRP A 118 22.22 -41.08 16.62
CA TRP A 118 21.25 -40.67 17.61
C TRP A 118 19.96 -40.25 16.94
N ALA A 119 19.96 -40.22 15.60
CA ALA A 119 18.85 -39.76 14.79
C ALA A 119 18.58 -38.30 15.08
N GLU A 120 19.60 -37.59 15.59
CA GLU A 120 19.48 -36.16 15.77
C GLU A 120 19.56 -35.47 14.43
N GLY A 121 20.01 -36.21 13.43
CA GLY A 121 19.98 -35.71 12.06
C GLY A 121 18.56 -35.42 11.68
N ALA A 122 17.64 -36.26 12.17
CA ALA A 122 16.22 -35.99 11.98
C ALA A 122 15.84 -34.69 12.69
N PHE A 123 16.30 -34.49 13.92
CA PHE A 123 15.92 -33.26 14.61
C PHE A 123 16.39 -32.07 13.79
N LEU A 124 17.48 -32.26 13.06
CA LEU A 124 18.05 -31.22 12.20
C LEU A 124 17.22 -31.01 10.94
N LEU A 125 16.88 -32.10 10.25
CA LEU A 125 16.14 -31.96 9.00
C LEU A 125 14.69 -31.58 9.23
N PHE A 126 14.09 -32.04 10.32
CA PHE A 126 12.80 -31.50 10.78
C PHE A 126 12.90 -30.00 11.03
N LEU A 127 13.86 -29.59 11.85
CA LEU A 127 13.89 -28.20 12.27
C LEU A 127 14.30 -27.28 11.12
N PHE A 128 15.14 -27.78 10.20
CA PHE A 128 15.46 -27.06 8.98
C PHE A 128 14.27 -26.97 8.04
N SER A 129 13.43 -28.01 7.99
CA SER A 129 12.25 -27.97 7.12
C SER A 129 11.22 -26.97 7.62
N VAL A 130 10.97 -26.94 8.94
CA VAL A 130 10.12 -25.86 9.46
C VAL A 130 10.80 -24.50 9.33
N GLY A 131 12.13 -24.45 9.46
CA GLY A 131 12.84 -23.22 9.21
C GLY A 131 12.63 -22.66 7.82
N HIS A 132 12.46 -23.54 6.83
CA HIS A 132 12.05 -23.09 5.51
C HIS A 132 10.58 -22.65 5.46
N ALA A 133 9.67 -23.51 5.93
CA ALA A 133 8.23 -23.24 5.78
C ALA A 133 7.81 -21.93 6.46
N LEU A 134 8.39 -21.63 7.63
CA LEU A 134 8.05 -20.40 8.32
C LEU A 134 8.51 -19.16 7.55
N GLU A 135 9.64 -19.25 6.85
CA GLU A 135 10.01 -18.17 5.95
C GLU A 135 9.07 -18.10 4.75
N ASN A 136 8.67 -19.26 4.24
CA ASN A 136 7.79 -19.32 3.07
C ASN A 136 6.53 -18.50 3.27
N TYR A 137 5.92 -18.60 4.45
CA TYR A 137 4.73 -17.78 4.70
C TYR A 137 5.02 -16.32 5.05
N ALA A 138 6.28 -15.91 5.17
CA ALA A 138 6.61 -14.53 5.52
C ALA A 138 6.74 -13.58 4.32
N MET A 139 6.86 -14.07 3.10
CA MET A 139 7.27 -13.22 1.97
C MET A 139 6.12 -12.43 1.36
N GLY A 140 6.48 -11.29 0.76
CA GLY A 140 5.58 -10.46 -0.01
C GLY A 140 6.34 -9.47 -0.85
N ARG A 141 5.69 -8.97 -1.91
CA ARG A 141 6.38 -8.17 -2.92
C ARG A 141 5.42 -7.18 -3.57
N ALA A 142 6.00 -6.13 -4.17
CA ALA A 142 5.28 -4.90 -4.52
C ALA A 142 4.72 -4.86 -5.94
N ARG A 143 5.34 -5.55 -6.90
CA ARG A 143 5.05 -5.35 -8.33
C ARG A 143 3.72 -5.94 -8.80
N ASN A 144 2.89 -6.49 -7.91
CA ASN A 144 1.86 -7.46 -8.28
C ASN A 144 0.60 -6.86 -8.92
N ALA A 145 0.35 -5.55 -8.78
CA ALA A 145 -0.95 -4.95 -9.12
C ALA A 145 -1.20 -4.72 -10.61
N VAL A 146 -0.31 -5.19 -11.50
CA VAL A 146 -0.44 -4.89 -12.93
C VAL A 146 -1.80 -5.29 -13.47
N ALA A 147 -2.40 -6.33 -12.89
CA ALA A 147 -3.63 -6.89 -13.45
C ALA A 147 -4.75 -5.86 -13.46
N ALA A 148 -4.82 -5.03 -12.42
CA ALA A 148 -5.89 -4.05 -12.40
C ALA A 148 -5.59 -2.85 -13.30
N LEU A 149 -4.33 -2.38 -13.28
CA LEU A 149 -3.97 -1.15 -14.01
C LEU A 149 -4.37 -1.18 -15.48
N ALA A 150 -4.20 -2.33 -16.14
CA ALA A 150 -4.50 -2.42 -17.57
C ALA A 150 -5.96 -2.14 -17.86
N GLY A 151 -6.85 -2.45 -16.92
CA GLY A 151 -8.25 -2.24 -17.19
C GLY A 151 -8.65 -0.78 -17.31
N LEU A 152 -7.79 0.15 -16.89
CA LEU A 152 -8.19 1.55 -16.91
C LEU A 152 -8.15 2.18 -18.31
N THR A 153 -7.47 1.56 -19.27
CA THR A 153 -7.35 2.16 -20.58
C THR A 153 -7.91 1.25 -21.67
N PRO A 154 -8.66 1.81 -22.63
CA PRO A 154 -9.23 0.98 -23.68
C PRO A 154 -8.17 0.53 -24.68
N ASP A 155 -8.44 -0.60 -25.33
CA ASP A 155 -7.55 -1.13 -26.36
C ASP A 155 -7.60 -0.30 -27.64
N GLU A 156 -8.72 0.35 -27.93
CA GLU A 156 -8.93 0.94 -29.24
C GLU A 156 -9.54 2.33 -29.11
N ALA A 157 -9.38 3.12 -30.18
CA ALA A 157 -9.94 4.45 -30.25
C ALA A 157 -10.54 4.70 -31.63
N LEU A 158 -11.66 5.43 -31.65
CA LEU A 158 -12.16 6.00 -32.89
C LEU A 158 -11.33 7.23 -33.23
N VAL A 159 -10.85 7.31 -34.47
CA VAL A 159 -10.02 8.41 -34.90
C VAL A 159 -10.52 8.94 -36.23
N ARG A 160 -10.63 10.26 -36.34
CA ARG A 160 -11.16 10.91 -37.53
C ARG A 160 -10.16 10.88 -38.68
N ARG A 161 -10.68 10.72 -39.90
CA ARG A 161 -9.92 10.70 -41.14
C ARG A 161 -10.76 11.42 -42.20
N GLY A 162 -10.95 12.73 -42.01
CA GLY A 162 -11.71 13.52 -42.94
C GLY A 162 -13.19 13.26 -42.90
N ASP A 163 -13.73 12.66 -43.95
CA ASP A 163 -15.12 12.25 -43.99
C ASP A 163 -15.33 10.84 -43.46
N LYS A 164 -14.31 10.21 -42.88
CA LYS A 164 -14.47 8.88 -42.31
C LYS A 164 -14.01 8.88 -40.87
N THR A 165 -14.53 7.94 -40.07
CA THR A 165 -13.97 7.64 -38.76
C THR A 165 -13.52 6.18 -38.72
N GLU A 166 -12.23 5.98 -38.50
CA GLU A 166 -11.62 4.65 -38.46
C GLU A 166 -11.46 4.20 -37.01
N THR A 167 -11.29 2.89 -36.82
CA THR A 167 -10.95 2.33 -35.52
C THR A 167 -9.48 1.90 -35.54
N VAL A 168 -8.68 2.40 -34.59
CA VAL A 168 -7.26 2.05 -34.50
C VAL A 168 -6.90 1.68 -33.08
N LEU A 169 -5.82 0.93 -32.95
CA LEU A 169 -5.20 0.70 -31.64
C LEU A 169 -4.61 2.00 -31.10
N ILE A 170 -4.61 2.12 -29.76
CA ILE A 170 -3.98 3.28 -29.13
C ILE A 170 -2.49 3.33 -29.43
N GLU A 171 -1.86 2.16 -29.62
CA GLU A 171 -0.47 2.08 -30.03
C GLU A 171 -0.20 2.84 -31.31
N ASN A 172 -1.23 3.08 -32.12
CA ASN A 172 -1.10 3.62 -33.46
C ASN A 172 -1.66 5.04 -33.60
N LEU A 173 -2.02 5.68 -32.49
CA LEU A 173 -2.43 7.08 -32.55
C LEU A 173 -1.20 7.96 -32.78
N LEU A 174 -1.27 8.83 -33.78
CA LEU A 174 -0.26 9.86 -33.93
C LEU A 174 -0.64 11.10 -33.14
N VAL A 175 0.37 11.88 -32.76
CA VAL A 175 0.09 13.19 -32.18
C VAL A 175 -0.64 14.05 -33.20
N GLY A 176 -1.65 14.79 -32.73
CA GLY A 176 -2.49 15.60 -33.58
C GLY A 176 -3.63 14.87 -34.25
N ASP A 177 -3.73 13.55 -34.07
CA ASP A 177 -4.95 12.82 -34.39
C ASP A 177 -6.11 13.31 -33.54
N ILE A 178 -7.31 13.38 -34.14
CA ILE A 178 -8.54 13.69 -33.42
C ILE A 178 -9.26 12.38 -33.10
N VAL A 179 -9.25 11.97 -31.82
CA VAL A 179 -10.01 10.80 -31.40
C VAL A 179 -11.43 11.24 -31.03
N VAL A 180 -12.38 10.31 -31.18
CA VAL A 180 -13.76 10.50 -30.76
C VAL A 180 -13.98 9.65 -29.52
N VAL A 181 -14.40 10.29 -28.43
CA VAL A 181 -14.73 9.62 -27.19
C VAL A 181 -16.20 9.85 -26.98
N ARG A 182 -16.99 8.78 -27.02
CA ARG A 182 -18.42 8.93 -26.90
C ARG A 182 -18.85 8.58 -25.48
N SER A 183 -20.16 8.67 -25.25
CA SER A 183 -20.72 8.67 -23.90
C SER A 183 -20.23 7.52 -23.04
N ASN A 184 -19.85 7.85 -21.80
CA ASN A 184 -19.41 6.93 -20.74
C ASN A 184 -18.22 6.06 -21.14
N GLU A 185 -17.57 6.32 -22.26
CA GLU A 185 -16.36 5.59 -22.65
C GLU A 185 -15.15 6.01 -21.82
N ARG A 186 -14.15 5.11 -21.77
CA ARG A 186 -12.83 5.49 -21.26
C ARG A 186 -12.10 6.30 -22.31
N LEU A 187 -11.50 7.40 -21.89
CA LEU A 187 -10.72 8.23 -22.80
C LEU A 187 -9.43 7.50 -23.17
N PRO A 188 -9.08 7.45 -24.45
CA PRO A 188 -7.91 6.67 -24.87
C PRO A 188 -6.59 7.41 -24.88
N ALA A 189 -6.58 8.75 -24.76
CA ALA A 189 -5.34 9.48 -24.96
C ALA A 189 -5.37 10.80 -24.20
N ASP A 190 -4.19 11.27 -23.81
CA ASP A 190 -4.03 12.61 -23.26
C ASP A 190 -4.10 13.63 -24.39
N GLY A 191 -4.89 14.68 -24.20
CA GLY A 191 -5.15 15.62 -25.26
C GLY A 191 -5.79 16.88 -24.74
N PHE A 192 -6.38 17.66 -25.66
CA PHE A 192 -7.27 18.76 -25.31
C PHE A 192 -8.57 18.67 -26.11
N VAL A 193 -9.65 19.14 -25.49
CA VAL A 193 -10.97 19.08 -26.12
C VAL A 193 -11.05 20.06 -27.28
N VAL A 194 -11.53 19.59 -28.42
CA VAL A 194 -11.67 20.43 -29.61
C VAL A 194 -13.10 20.46 -30.14
N LYS A 195 -13.95 19.50 -29.77
CA LYS A 195 -15.37 19.57 -30.11
C LYS A 195 -16.17 18.97 -28.97
N GLY A 196 -17.32 19.59 -28.67
CA GLY A 196 -18.25 19.07 -27.69
C GLY A 196 -17.90 19.46 -26.26
N SER A 197 -18.87 19.26 -25.37
CA SER A 197 -18.72 19.59 -23.95
C SER A 197 -19.31 18.46 -23.12
N SER A 198 -18.66 18.15 -21.99
CA SER A 198 -19.06 16.97 -21.22
C SER A 198 -18.48 17.08 -19.81
N ALA A 199 -18.90 16.18 -18.93
CA ALA A 199 -18.38 16.13 -17.58
C ALA A 199 -17.57 14.85 -17.40
N VAL A 200 -16.28 15.00 -17.09
CA VAL A 200 -15.32 13.90 -17.13
C VAL A 200 -14.87 13.56 -15.72
N ASN A 201 -14.97 12.28 -15.35
CA ASN A 201 -14.47 11.78 -14.07
C ASN A 201 -12.98 11.46 -14.20
N GLN A 202 -12.13 12.35 -13.68
CA GLN A 202 -10.68 12.21 -13.74
C GLN A 202 -10.09 11.50 -12.52
N ALA A 203 -10.88 10.66 -11.84
CA ALA A 203 -10.44 10.09 -10.57
C ALA A 203 -9.12 9.32 -10.62
N PRO A 204 -8.78 8.55 -11.67
CA PRO A 204 -7.51 7.80 -11.65
C PRO A 204 -6.28 8.67 -11.56
N ILE A 205 -6.38 9.97 -11.81
CA ILE A 205 -5.21 10.84 -11.95
C ILE A 205 -5.27 12.02 -10.99
N THR A 206 -6.42 12.71 -10.92
CA THR A 206 -6.59 13.79 -9.96
C THR A 206 -6.99 13.28 -8.58
N GLY A 207 -7.49 12.05 -8.48
CA GLY A 207 -8.00 11.52 -7.24
C GLY A 207 -9.38 12.03 -6.84
N GLU A 208 -9.98 12.91 -7.63
CA GLU A 208 -11.32 13.42 -7.37
C GLU A 208 -12.30 12.69 -8.26
N SER A 209 -13.30 12.04 -7.65
CA SER A 209 -14.27 11.23 -8.39
C SER A 209 -15.54 12.01 -8.69
N ALA A 210 -15.47 13.32 -8.74
CA ALA A 210 -16.58 14.15 -9.15
C ALA A 210 -16.34 14.65 -10.56
N PRO A 211 -17.30 14.47 -11.47
CA PRO A 211 -17.11 14.93 -12.85
C PRO A 211 -16.75 16.41 -12.92
N VAL A 212 -15.77 16.71 -13.78
CA VAL A 212 -15.30 18.06 -14.05
C VAL A 212 -15.79 18.48 -15.43
N ASP A 213 -16.45 19.63 -15.51
CA ASP A 213 -16.98 20.09 -16.79
C ASP A 213 -15.85 20.48 -17.74
N LYS A 214 -15.92 19.96 -18.97
CA LYS A 214 -14.95 20.18 -20.03
C LYS A 214 -15.64 20.85 -21.22
N LEU A 215 -14.86 21.69 -21.90
CA LEU A 215 -15.30 22.58 -22.98
C LEU A 215 -14.20 22.61 -24.03
N PRO A 216 -14.56 22.92 -25.29
CA PRO A 216 -13.55 22.94 -26.35
C PRO A 216 -12.69 24.21 -26.33
N VAL A 217 -11.43 24.03 -26.74
CA VAL A 217 -10.52 25.16 -26.92
C VAL A 217 -11.04 26.11 -27.99
N ASP A 218 -10.65 27.38 -27.88
CA ASP A 218 -11.10 28.38 -28.83
C ASP A 218 -10.28 28.39 -30.13
N ASP A 219 -9.01 28.00 -30.08
CA ASP A 219 -8.22 27.80 -31.30
C ASP A 219 -7.29 26.60 -31.11
N PRO A 220 -7.51 25.51 -31.85
CA PRO A 220 -6.66 24.32 -31.68
C PRO A 220 -5.23 24.47 -32.19
N GLU A 221 -4.99 25.34 -33.17
CA GLU A 221 -3.61 25.54 -33.63
C GLU A 221 -2.77 26.19 -32.54
N PHE A 222 -3.35 27.17 -31.85
CA PHE A 222 -2.69 27.83 -30.74
C PHE A 222 -2.50 26.85 -29.59
N ALA A 223 -3.55 26.12 -29.23
CA ALA A 223 -3.44 25.18 -28.13
C ALA A 223 -2.36 24.14 -28.41
N ALA A 224 -2.33 23.59 -29.63
CA ALA A 224 -1.33 22.58 -29.98
C ALA A 224 0.08 23.15 -29.89
N ALA A 225 0.23 24.46 -30.12
CA ALA A 225 1.56 25.05 -29.98
C ALA A 225 1.87 25.55 -28.57
N ASN A 226 0.84 25.78 -27.75
CA ASN A 226 0.97 26.40 -26.43
C ASN A 226 0.29 25.55 -25.36
N LEU A 227 0.69 24.28 -25.27
CA LEU A 227 0.06 23.36 -24.32
C LEU A 227 0.17 23.87 -22.88
N ASP A 228 1.23 24.61 -22.56
CA ASP A 228 1.37 25.16 -21.21
C ASP A 228 0.26 26.11 -20.82
N LYS A 229 -0.44 26.71 -21.79
CA LYS A 229 -1.56 27.63 -21.51
C LYS A 229 -2.92 26.93 -21.51
N LEU A 230 -2.96 25.60 -21.60
CA LEU A 230 -4.23 24.88 -21.57
C LEU A 230 -4.97 25.07 -20.24
N THR A 231 -6.11 25.76 -20.29
CA THR A 231 -7.00 25.80 -19.14
C THR A 231 -7.44 24.38 -18.76
N PRO A 232 -7.66 24.13 -17.46
CA PRO A 232 -8.14 22.79 -17.04
C PRO A 232 -9.58 22.49 -17.44
N GLN A 233 -10.30 23.44 -18.05
CA GLN A 233 -11.55 23.09 -18.70
C GLN A 233 -11.35 22.25 -19.95
N THR A 234 -10.15 22.28 -20.52
CA THR A 234 -9.91 21.72 -21.85
C THR A 234 -8.93 20.56 -21.85
N ARG A 235 -7.95 20.53 -20.94
CA ARG A 235 -7.04 19.41 -20.87
C ARG A 235 -7.78 18.16 -20.39
N VAL A 236 -7.44 17.01 -20.97
CA VAL A 236 -8.03 15.73 -20.60
C VAL A 236 -6.93 14.67 -20.60
N PHE A 237 -7.16 13.61 -19.81
CA PHE A 237 -6.18 12.57 -19.58
C PHE A 237 -6.74 11.20 -19.95
N ALA A 238 -5.85 10.33 -20.43
CA ALA A 238 -6.21 8.94 -20.69
C ALA A 238 -6.69 8.26 -19.41
N GLY A 239 -7.63 7.33 -19.57
CA GLY A 239 -8.20 6.58 -18.46
C GLY A 239 -9.23 7.33 -17.65
N SER A 240 -9.41 8.62 -17.89
CA SER A 240 -10.61 9.32 -17.44
C SER A 240 -11.86 8.67 -18.00
N ILE A 241 -12.97 8.82 -17.29
CA ILE A 241 -14.25 8.29 -17.73
C ILE A 241 -15.10 9.44 -18.23
N ASN A 242 -15.55 9.34 -19.48
CA ASN A 242 -16.36 10.41 -20.07
C ASN A 242 -17.76 10.43 -19.42
N GLY A 243 -18.47 11.51 -19.66
CA GLY A 243 -19.82 11.68 -19.17
C GLY A 243 -20.87 11.51 -20.25
N SER A 244 -21.93 12.31 -20.15
CA SER A 244 -23.05 12.20 -21.07
C SER A 244 -22.66 12.53 -22.50
N GLY A 245 -21.73 13.45 -22.69
CA GLY A 245 -21.48 14.05 -23.99
C GLY A 245 -20.23 13.50 -24.67
N SER A 246 -20.33 13.30 -25.98
CA SER A 246 -19.18 12.96 -26.79
C SER A 246 -18.21 14.13 -26.86
N LEU A 247 -16.92 13.80 -26.91
CA LEU A 247 -15.84 14.77 -27.02
C LEU A 247 -14.92 14.36 -28.16
N ASP A 248 -14.54 15.32 -29.00
CA ASP A 248 -13.36 15.14 -29.84
C ASP A 248 -12.13 15.62 -29.07
N VAL A 249 -11.09 14.80 -29.05
CA VAL A 249 -9.86 15.11 -28.33
C VAL A 249 -8.70 15.02 -29.31
N GLN A 250 -7.94 16.11 -29.42
CA GLN A 250 -6.71 16.09 -30.19
C GLN A 250 -5.57 15.50 -29.35
N VAL A 251 -4.97 14.42 -29.85
CA VAL A 251 -3.94 13.70 -29.11
C VAL A 251 -2.69 14.57 -29.00
N THR A 252 -2.05 14.51 -27.83
CA THR A 252 -0.86 15.32 -27.53
C THR A 252 0.27 14.51 -26.92
N LYS A 253 0.03 13.31 -26.42
CA LYS A 253 1.06 12.42 -25.94
C LYS A 253 0.89 11.07 -26.64
N LEU A 254 2.00 10.38 -26.89
CA LEU A 254 1.91 9.06 -27.48
C LEU A 254 1.37 8.06 -26.46
N SER A 255 0.92 6.91 -26.97
CA SER A 255 0.40 5.84 -26.13
C SER A 255 1.29 5.54 -24.93
N GLY A 256 2.61 5.59 -25.12
CA GLY A 256 3.53 5.26 -24.04
C GLY A 256 3.88 6.41 -23.11
N GLU A 257 3.43 7.62 -23.41
CA GLU A 257 3.83 8.81 -22.67
C GLU A 257 2.65 9.46 -21.96
N SER A 258 1.48 8.85 -21.98
CA SER A 258 0.34 9.37 -21.24
C SER A 258 0.60 9.26 -19.73
N THR A 259 -0.05 10.15 -18.98
CA THR A 259 0.15 10.19 -17.54
C THR A 259 -0.16 8.85 -16.89
N LEU A 260 -1.15 8.13 -17.42
CA LEU A 260 -1.47 6.81 -16.89
C LEU A 260 -0.45 5.76 -17.31
N ALA A 261 0.11 5.86 -18.52
CA ALA A 261 1.16 4.92 -18.90
C ALA A 261 2.39 5.11 -18.02
N ARG A 262 2.61 6.34 -17.57
CA ARG A 262 3.67 6.60 -16.60
C ARG A 262 3.36 6.00 -15.23
N VAL A 263 2.11 6.11 -14.80
CA VAL A 263 1.71 5.45 -13.54
C VAL A 263 1.96 3.94 -13.60
N VAL A 264 1.57 3.31 -14.73
CA VAL A 264 1.83 1.89 -14.92
C VAL A 264 3.33 1.59 -14.84
N THR A 265 4.14 2.39 -15.54
CA THR A 265 5.57 2.09 -15.62
C THR A 265 6.23 2.25 -14.26
N LEU A 266 5.94 3.36 -13.57
CA LEU A 266 6.57 3.61 -12.28
C LEU A 266 6.18 2.57 -11.25
N VAL A 267 4.96 2.02 -11.33
CA VAL A 267 4.62 0.95 -10.40
C VAL A 267 5.36 -0.33 -10.75
N ALA A 268 5.60 -0.60 -12.03
CA ALA A 268 6.25 -1.85 -12.39
C ALA A 268 7.77 -1.81 -12.15
N GLU A 269 8.42 -0.70 -12.46
CA GLU A 269 9.86 -0.56 -12.32
C GLU A 269 10.31 -0.14 -10.92
N ALA A 270 9.39 -0.01 -9.96
CA ALA A 270 9.79 -0.05 -8.57
C ALA A 270 10.40 -1.40 -8.22
N GLN A 271 11.20 -1.41 -7.15
CA GLN A 271 11.91 -2.60 -6.71
C GLN A 271 11.16 -3.29 -5.58
N THR A 272 11.67 -4.47 -5.20
CA THR A 272 11.48 -4.94 -3.83
C THR A 272 12.33 -4.12 -2.88
N ARG A 273 11.87 -4.02 -1.64
CA ARG A 273 12.62 -3.37 -0.57
C ARG A 273 13.05 -4.40 0.46
N GLN A 274 14.36 -4.49 0.68
CA GLN A 274 14.91 -5.57 1.49
C GLN A 274 14.61 -5.39 2.97
N SER A 275 14.33 -6.49 3.65
CA SER A 275 14.40 -6.54 5.11
C SER A 275 15.87 -6.48 5.55
N PRO A 276 16.25 -5.56 6.43
CA PRO A 276 17.64 -5.53 6.88
C PRO A 276 18.06 -6.76 7.69
N THR A 277 17.15 -7.34 8.48
CA THR A 277 17.50 -8.55 9.22
C THR A 277 17.72 -9.74 8.30
N GLN A 278 16.96 -9.81 7.21
CA GLN A 278 17.17 -10.86 6.21
C GLN A 278 18.52 -10.72 5.51
N ASN A 279 18.85 -9.53 5.04
CA ASN A 279 20.10 -9.40 4.29
C ASN A 279 21.32 -9.50 5.19
N PHE A 280 21.19 -9.11 6.46
CA PHE A 280 22.23 -9.40 7.45
C PHE A 280 22.45 -10.91 7.56
N THR A 281 21.35 -11.68 7.59
CA THR A 281 21.50 -13.13 7.68
C THR A 281 22.12 -13.73 6.41
N LYS A 282 21.76 -13.20 5.24
CA LYS A 282 22.42 -13.58 3.99
C LYS A 282 23.94 -13.41 4.07
N LYS A 283 24.39 -12.24 4.51
CA LYS A 283 25.83 -12.02 4.67
C LYS A 283 26.44 -13.05 5.62
N PHE A 284 25.84 -13.19 6.81
CA PHE A 284 26.36 -14.10 7.82
C PHE A 284 26.49 -15.51 7.27
N GLU A 285 25.45 -16.02 6.60
CA GLU A 285 25.51 -17.38 6.04
C GLU A 285 26.68 -17.53 5.08
N LYS A 286 26.85 -16.55 4.18
CA LYS A 286 27.87 -16.71 3.13
C LYS A 286 29.26 -16.76 3.73
N ILE A 287 29.48 -16.09 4.86
CA ILE A 287 30.81 -16.19 5.48
C ILE A 287 30.90 -17.37 6.45
N PHE A 288 29.82 -17.65 7.19
CA PHE A 288 29.82 -18.68 8.22
C PHE A 288 30.12 -20.08 7.67
N VAL A 289 29.50 -20.46 6.54
CA VAL A 289 29.71 -21.82 6.02
C VAL A 289 31.19 -22.11 5.69
N PRO A 290 31.88 -21.29 4.89
CA PRO A 290 33.32 -21.52 4.69
C PRO A 290 34.18 -21.22 5.91
N CYS A 291 33.64 -20.56 6.92
CA CYS A 291 34.36 -20.44 8.18
C CYS A 291 34.40 -21.78 8.91
N VAL A 292 33.23 -22.37 9.16
CA VAL A 292 33.17 -23.60 9.94
C VAL A 292 33.79 -24.79 9.19
N ILE A 293 33.81 -24.76 7.86
CA ILE A 293 34.45 -25.88 7.17
C ILE A 293 35.97 -25.93 7.43
N ALA A 294 36.57 -24.81 7.83
CA ALA A 294 37.96 -24.83 8.25
C ALA A 294 38.15 -25.70 9.48
N LEU A 295 37.34 -25.49 10.51
CA LEU A 295 37.39 -26.39 11.66
C LEU A 295 37.07 -27.81 11.25
N ALA A 296 36.23 -28.00 10.23
CA ALA A 296 35.93 -29.36 9.80
C ALA A 296 37.20 -30.09 9.37
N PHE A 297 38.10 -29.41 8.68
CA PHE A 297 39.30 -30.16 8.30
C PHE A 297 40.37 -30.14 9.38
N VAL A 298 40.58 -29.01 10.06
CA VAL A 298 41.59 -28.94 11.10
C VAL A 298 41.32 -30.02 12.16
N THR A 299 40.06 -30.18 12.55
CA THR A 299 39.74 -31.19 13.54
C THR A 299 39.73 -32.58 12.93
N SER A 300 39.42 -32.71 11.63
CA SER A 300 39.51 -34.03 11.03
C SER A 300 40.94 -34.57 11.12
N PHE A 301 41.93 -33.73 10.80
CA PHE A 301 43.33 -34.13 10.93
C PHE A 301 43.92 -33.95 12.33
N SER A 302 43.10 -33.65 13.33
CA SER A 302 43.62 -33.41 14.67
C SER A 302 44.43 -34.60 15.23
N PHE A 303 44.05 -35.84 14.88
CA PHE A 303 44.81 -37.01 15.37
C PHE A 303 46.27 -36.97 14.94
N LEU A 304 46.58 -36.29 13.84
CA LEU A 304 47.95 -36.23 13.34
C LEU A 304 48.88 -35.40 14.23
N ILE A 305 48.32 -34.50 15.04
CA ILE A 305 49.13 -33.62 15.88
C ILE A 305 48.85 -33.85 17.36
N LEU A 306 47.63 -34.25 17.69
CA LEU A 306 47.24 -34.44 19.08
C LEU A 306 46.90 -35.90 19.35
N ASP A 307 47.06 -36.29 20.62
CA ASP A 307 46.84 -37.66 21.08
C ASP A 307 45.34 -37.97 21.08
N GLU A 308 44.82 -38.29 19.90
CA GLU A 308 43.41 -38.63 19.74
C GLU A 308 43.29 -39.68 18.65
N THR A 309 42.28 -40.55 18.78
CA THR A 309 42.07 -41.59 17.78
C THR A 309 41.50 -40.97 16.50
N ALA A 310 41.91 -41.53 15.36
CA ALA A 310 41.53 -40.96 14.07
C ALA A 310 40.02 -40.89 13.90
N ALA A 311 39.30 -41.96 14.27
CA ALA A 311 37.85 -41.94 14.09
C ALA A 311 37.18 -40.97 15.04
N GLN A 312 37.84 -40.59 16.12
CA GLN A 312 37.23 -39.63 17.03
C GLN A 312 37.68 -38.20 16.76
N SER A 313 38.83 -37.99 16.12
CA SER A 313 39.06 -36.69 15.49
C SER A 313 38.06 -36.44 14.35
N PHE A 314 37.62 -37.50 13.69
CA PHE A 314 36.50 -37.34 12.75
C PHE A 314 35.20 -37.03 13.48
N TYR A 315 34.96 -37.70 14.61
CA TYR A 315 33.83 -37.31 15.46
C TYR A 315 33.94 -35.88 15.98
N ARG A 316 35.16 -35.36 16.18
CA ARG A 316 35.33 -33.96 16.55
C ARG A 316 34.91 -33.02 15.43
N ALA A 317 35.22 -33.40 14.19
CA ALA A 317 34.78 -32.60 13.05
C ALA A 317 33.26 -32.64 12.90
N MET A 318 32.68 -33.84 12.99
CA MET A 318 31.23 -33.95 12.88
C MET A 318 30.50 -33.23 14.01
N ALA A 319 31.08 -33.22 15.22
CA ALA A 319 30.48 -32.51 16.33
C ALA A 319 30.46 -31.01 16.10
N VAL A 320 31.59 -30.44 15.68
CA VAL A 320 31.59 -28.99 15.42
C VAL A 320 30.73 -28.65 14.20
N LEU A 321 30.64 -29.56 13.22
CA LEU A 321 29.71 -29.40 12.11
C LEU A 321 28.26 -29.30 12.59
N VAL A 322 27.75 -30.35 13.21
CA VAL A 322 26.33 -30.36 13.56
C VAL A 322 26.01 -29.35 14.66
N ALA A 323 26.99 -28.96 15.48
CA ALA A 323 26.75 -27.87 16.40
C ALA A 323 26.61 -26.54 15.67
N ALA A 324 27.34 -26.37 14.56
CA ALA A 324 27.32 -25.08 13.87
C ALA A 324 25.94 -24.73 13.32
N SER A 325 25.09 -25.73 13.06
CA SER A 325 23.77 -25.54 12.44
C SER A 325 22.89 -24.59 13.24
N PRO A 326 22.66 -23.35 12.77
CA PRO A 326 22.00 -22.33 13.60
C PRO A 326 20.49 -22.51 13.68
N CYS A 327 20.08 -23.66 14.24
CA CYS A 327 18.66 -23.98 14.36
C CYS A 327 17.87 -22.87 15.04
N ALA A 328 18.49 -22.17 16.00
CA ALA A 328 17.84 -21.03 16.64
C ALA A 328 17.51 -19.91 15.66
N LEU A 329 18.47 -19.51 14.82
CA LEU A 329 18.23 -18.43 13.87
C LEU A 329 17.13 -18.78 12.87
N ALA A 330 17.16 -20.02 12.35
CA ALA A 330 16.26 -20.49 11.31
C ALA A 330 14.81 -20.49 11.75
N ILE A 331 14.56 -20.33 13.04
CA ILE A 331 13.21 -20.30 13.57
C ILE A 331 12.90 -18.92 14.14
N ALA A 332 13.87 -18.31 14.82
CA ALA A 332 13.65 -17.02 15.45
C ALA A 332 13.25 -15.97 14.43
N THR A 333 14.04 -15.84 13.34
CA THR A 333 13.81 -14.75 12.41
C THR A 333 12.40 -14.73 11.80
N PRO A 334 11.82 -15.86 11.32
CA PRO A 334 10.44 -15.80 10.79
C PRO A 334 9.33 -15.77 11.82
N SER A 335 9.55 -16.33 13.01
CA SER A 335 8.46 -16.45 13.98
C SER A 335 8.06 -15.09 14.55
N ALA A 336 9.01 -14.18 14.73
CA ALA A 336 8.66 -12.81 15.10
C ALA A 336 7.78 -12.16 14.04
N VAL A 337 8.08 -12.44 12.76
CA VAL A 337 7.29 -11.88 11.67
C VAL A 337 5.87 -12.44 11.71
N LEU A 338 5.74 -13.76 11.65
CA LEU A 338 4.42 -14.36 11.56
C LEU A 338 3.56 -13.98 12.77
N SER A 339 4.17 -13.91 13.96
CA SER A 339 3.43 -13.49 15.15
C SER A 339 2.94 -12.05 14.99
N GLY A 340 3.85 -11.12 14.70
CA GLY A 340 3.44 -9.73 14.59
C GLY A 340 2.43 -9.49 13.48
N VAL A 341 2.59 -10.18 12.35
CA VAL A 341 1.61 -10.10 11.26
C VAL A 341 0.23 -10.53 11.73
N ALA A 342 0.14 -11.68 12.42
CA ALA A 342 -1.16 -12.13 12.88
C ALA A 342 -1.75 -11.20 13.94
N ARG A 343 -0.89 -10.60 14.77
CA ARG A 343 -1.37 -9.60 15.73
C ARG A 343 -1.90 -8.37 15.01
N ALA A 344 -1.21 -7.92 13.96
CA ALA A 344 -1.69 -6.79 13.17
C ALA A 344 -3.06 -7.11 12.57
N ALA A 345 -3.21 -8.34 12.05
CA ALA A 345 -4.48 -8.73 11.44
C ALA A 345 -5.62 -8.71 12.47
N ARG A 346 -5.37 -9.22 13.67
CA ARG A 346 -6.38 -9.11 14.73
C ARG A 346 -6.63 -7.67 15.17
N GLY A 347 -5.70 -6.76 14.92
CA GLY A 347 -5.90 -5.33 15.12
C GLY A 347 -6.46 -4.57 13.95
N GLY A 348 -6.81 -5.23 12.85
CA GLY A 348 -7.40 -4.57 11.71
C GLY A 348 -6.42 -3.98 10.72
N VAL A 349 -5.17 -4.41 10.75
CA VAL A 349 -4.15 -3.99 9.80
C VAL A 349 -3.65 -5.22 9.06
N LEU A 350 -3.87 -5.27 7.75
CA LEU A 350 -3.29 -6.30 6.91
C LEU A 350 -1.87 -5.90 6.55
N ILE A 351 -0.92 -6.83 6.67
CA ILE A 351 0.48 -6.56 6.40
C ILE A 351 0.98 -7.60 5.40
N LYS A 352 1.66 -7.13 4.35
CA LYS A 352 1.98 -7.99 3.22
C LYS A 352 3.21 -8.85 3.46
N GLY A 353 4.05 -8.50 4.42
CA GLY A 353 5.18 -9.36 4.75
C GLY A 353 6.00 -8.81 5.90
N GLY A 354 7.17 -9.41 6.09
CA GLY A 354 8.07 -8.97 7.14
C GLY A 354 8.71 -7.62 6.89
N ALA A 355 9.12 -7.36 5.65
CA ALA A 355 9.80 -6.11 5.31
C ALA A 355 9.03 -4.86 5.74
N PRO A 356 7.74 -4.68 5.41
CA PRO A 356 7.05 -3.48 5.88
C PRO A 356 6.84 -3.42 7.38
N LEU A 357 6.69 -4.59 8.04
CA LEU A 357 6.56 -4.61 9.50
C LEU A 357 7.87 -4.23 10.18
N GLU A 358 9.01 -4.48 9.54
CA GLU A 358 10.27 -4.00 10.08
C GLU A 358 10.47 -2.52 9.77
N ALA A 359 10.10 -2.10 8.56
CA ALA A 359 10.32 -0.72 8.13
C ALA A 359 9.48 0.26 8.95
N MET A 360 8.27 -0.13 9.36
CA MET A 360 7.31 0.82 9.91
C MET A 360 7.81 1.49 11.20
N GLY A 361 8.64 0.81 11.98
CA GLY A 361 9.20 1.45 13.17
C GLY A 361 10.20 2.55 12.84
N HIS A 362 11.07 2.31 11.86
CA HIS A 362 12.22 3.16 11.58
C HIS A 362 11.87 4.38 10.71
N LEU A 363 10.59 4.66 10.52
CA LEU A 363 10.17 5.80 9.71
C LEU A 363 10.55 7.12 10.37
N ASP A 364 11.19 8.02 9.61
CA ASP A 364 11.28 9.41 10.04
C ASP A 364 10.14 10.28 9.53
N ALA A 365 9.51 9.88 8.43
CA ALA A 365 8.58 10.74 7.72
C ALA A 365 7.36 9.93 7.30
N ILE A 366 6.25 10.63 7.13
CA ILE A 366 5.05 10.03 6.55
C ILE A 366 4.33 11.10 5.74
N ALA A 367 3.71 10.69 4.64
CA ALA A 367 3.01 11.59 3.73
C ALA A 367 1.59 11.07 3.53
N PHE A 368 0.64 12.00 3.41
CA PHE A 368 -0.78 11.66 3.32
C PHE A 368 -1.41 12.24 2.06
N ASP A 369 -2.13 11.38 1.33
CA ASP A 369 -3.16 11.84 0.39
C ASP A 369 -4.30 12.53 1.15
N LYS A 370 -4.99 13.44 0.46
CA LYS A 370 -6.19 14.06 1.04
C LYS A 370 -7.45 13.24 0.76
N THR A 371 -7.87 13.19 -0.51
CA THR A 371 -9.23 12.78 -0.84
C THR A 371 -9.40 11.29 -0.62
N GLY A 372 -10.29 10.92 0.30
CA GLY A 372 -10.52 9.55 0.68
C GLY A 372 -9.50 8.97 1.64
N THR A 373 -8.42 9.71 1.92
CA THR A 373 -7.44 9.27 2.92
C THR A 373 -7.67 10.03 4.22
N LEU A 374 -7.39 11.34 4.20
CA LEU A 374 -7.66 12.19 5.36
C LEU A 374 -9.09 12.67 5.39
N THR A 375 -9.71 12.87 4.24
CA THR A 375 -11.13 13.16 4.15
C THR A 375 -11.90 11.88 3.82
N ILE A 376 -13.21 11.95 4.00
CA ILE A 376 -14.07 10.83 3.61
C ILE A 376 -14.20 10.77 2.09
N GLY A 377 -14.34 11.92 1.44
CA GLY A 377 -14.44 11.94 -0.01
C GLY A 377 -15.78 12.40 -0.57
N GLU A 378 -16.50 13.25 0.16
CA GLU A 378 -17.81 13.70 -0.29
C GLU A 378 -18.06 15.12 0.20
N PRO A 379 -18.78 15.93 -0.58
CA PRO A 379 -19.07 17.31 -0.16
C PRO A 379 -20.08 17.36 0.97
N HIS A 380 -19.84 18.28 1.91
CA HIS A 380 -20.81 18.64 2.93
C HIS A 380 -21.09 20.13 2.87
N LEU A 381 -22.32 20.52 3.21
CA LEU A 381 -22.64 21.93 3.36
C LEU A 381 -21.97 22.48 4.61
N VAL A 382 -21.09 23.47 4.44
CA VAL A 382 -20.29 23.98 5.54
C VAL A 382 -20.45 25.48 5.73
N GLU A 383 -20.90 26.24 4.71
CA GLU A 383 -20.98 27.68 4.87
C GLU A 383 -22.24 28.22 4.21
N ILE A 384 -22.95 29.11 4.92
CA ILE A 384 -24.18 29.72 4.42
C ILE A 384 -24.04 31.22 4.60
N THR A 385 -24.23 31.96 3.50
CA THR A 385 -23.99 33.40 3.47
C THR A 385 -25.19 34.09 2.83
N PRO A 386 -26.21 34.40 3.63
CA PRO A 386 -27.35 35.19 3.13
C PRO A 386 -26.90 36.55 2.61
N TYR A 387 -27.79 37.17 1.83
CA TYR A 387 -27.54 38.45 1.19
C TYR A 387 -28.78 39.32 1.22
N GLY A 388 -28.57 40.63 1.37
CA GLY A 388 -29.70 41.54 1.43
C GLY A 388 -30.68 41.17 2.52
N ASP A 389 -31.96 41.20 2.16
CA ASP A 389 -33.05 40.89 3.08
C ASP A 389 -33.39 39.39 3.13
N ALA A 390 -32.61 38.53 2.48
CA ALA A 390 -32.87 37.10 2.55
C ALA A 390 -32.47 36.54 3.91
N THR A 391 -33.33 35.68 4.45
CA THR A 391 -32.98 34.96 5.68
C THR A 391 -32.18 33.71 5.34
N GLU A 392 -31.55 33.13 6.37
CA GLU A 392 -30.83 31.88 6.18
C GLU A 392 -31.78 30.75 5.80
N THR A 393 -32.97 30.72 6.40
CA THR A 393 -33.94 29.69 6.06
C THR A 393 -34.46 29.84 4.64
N GLU A 394 -34.63 31.07 4.16
CA GLU A 394 -35.07 31.26 2.77
C GLU A 394 -34.01 30.79 1.79
N LEU A 395 -32.74 31.13 2.05
CA LEU A 395 -31.66 30.66 1.18
C LEU A 395 -31.61 29.13 1.15
N LEU A 396 -31.76 28.48 2.30
CA LEU A 396 -31.66 27.03 2.32
C LEU A 396 -32.89 26.38 1.70
N GLN A 397 -34.07 26.95 1.92
CA GLN A 397 -35.27 26.34 1.36
C GLN A 397 -35.31 26.45 -0.16
N VAL A 398 -34.91 27.61 -0.72
CA VAL A 398 -34.85 27.71 -2.17
C VAL A 398 -33.77 26.79 -2.75
N SER A 399 -32.62 26.70 -2.07
CA SER A 399 -31.57 25.80 -2.52
C SER A 399 -32.05 24.35 -2.56
N ALA A 400 -32.68 23.88 -1.48
CA ALA A 400 -33.11 22.48 -1.46
C ALA A 400 -34.28 22.25 -2.42
N ALA A 401 -35.15 23.26 -2.60
CA ALA A 401 -36.24 23.13 -3.56
C ALA A 401 -35.71 22.85 -4.95
N VAL A 402 -34.58 23.46 -5.30
CA VAL A 402 -34.04 23.23 -6.65
C VAL A 402 -33.15 21.99 -6.71
N GLU A 403 -32.26 21.80 -5.73
CA GLU A 403 -31.34 20.68 -5.74
C GLU A 403 -32.03 19.34 -5.56
N MET A 404 -33.29 19.32 -5.08
CA MET A 404 -34.07 18.09 -5.11
C MET A 404 -34.29 17.57 -6.53
N LEU A 405 -34.16 18.42 -7.55
CA LEU A 405 -34.40 18.04 -8.92
C LEU A 405 -33.11 17.81 -9.71
N SER A 406 -31.97 18.23 -9.19
CA SER A 406 -30.71 18.08 -9.91
C SER A 406 -30.15 16.67 -9.72
N ASP A 407 -29.26 16.29 -10.63
CA ASP A 407 -28.49 15.07 -10.50
C ASP A 407 -26.98 15.34 -10.50
N HIS A 408 -26.56 16.59 -10.36
CA HIS A 408 -25.16 16.89 -10.17
C HIS A 408 -24.72 16.39 -8.78
N PRO A 409 -23.43 16.12 -8.60
CA PRO A 409 -23.01 15.48 -7.34
C PRO A 409 -23.34 16.31 -6.10
N LEU A 410 -23.20 17.63 -6.18
CA LEU A 410 -23.43 18.50 -5.03
C LEU A 410 -24.89 18.51 -4.58
N ALA A 411 -25.82 18.21 -5.49
CA ALA A 411 -27.24 18.38 -5.18
C ALA A 411 -27.68 17.48 -4.04
N GLN A 412 -27.28 16.20 -4.06
CA GLN A 412 -27.63 15.30 -2.97
C GLN A 412 -27.09 15.81 -1.64
N ALA A 413 -25.93 16.46 -1.66
CA ALA A 413 -25.36 16.95 -0.42
C ALA A 413 -26.15 18.13 0.12
N VAL A 414 -26.57 19.03 -0.78
CA VAL A 414 -27.41 20.15 -0.37
C VAL A 414 -28.72 19.65 0.23
N VAL A 415 -29.36 18.64 -0.40
CA VAL A 415 -30.63 18.16 0.12
C VAL A 415 -30.44 17.46 1.47
N ARG A 416 -29.39 16.66 1.60
CA ARG A 416 -29.09 15.98 2.86
C ARG A 416 -28.90 16.99 3.99
N ASP A 417 -28.06 17.99 3.75
CA ASP A 417 -27.67 18.85 4.85
C ASP A 417 -28.73 19.90 5.15
N VAL A 418 -29.48 20.39 4.16
CA VAL A 418 -30.62 21.25 4.48
C VAL A 418 -31.65 20.48 5.30
N LYS A 419 -31.93 19.22 4.94
CA LYS A 419 -32.85 18.44 5.76
C LYS A 419 -32.32 18.23 7.16
N ASP A 420 -30.99 18.16 7.31
CA ASP A 420 -30.44 18.02 8.66
C ASP A 420 -30.53 19.31 9.46
N ARG A 421 -30.20 20.45 8.83
CA ARG A 421 -30.15 21.73 9.55
C ARG A 421 -31.54 22.25 9.87
N LEU A 422 -32.48 22.17 8.93
CA LEU A 422 -33.83 22.68 9.16
C LEU A 422 -34.76 21.61 9.70
N GLY A 423 -34.34 20.34 9.68
CA GLY A 423 -35.16 19.25 10.14
C GLY A 423 -36.19 18.77 9.13
N ASP A 424 -36.36 19.48 8.02
CA ASP A 424 -37.45 19.20 7.10
C ASP A 424 -37.10 19.78 5.74
N LEU A 425 -37.80 19.31 4.70
CA LEU A 425 -37.54 19.80 3.35
C LEU A 425 -38.74 20.56 2.79
N PRO A 426 -38.51 21.57 1.96
CA PRO A 426 -39.61 22.30 1.32
C PRO A 426 -40.21 21.52 0.15
N SER A 427 -41.20 22.15 -0.49
CA SER A 427 -41.72 21.63 -1.76
C SER A 427 -40.69 21.79 -2.87
N GLU A 428 -40.65 20.79 -3.75
CA GLU A 428 -39.79 20.83 -4.93
C GLU A 428 -40.16 21.97 -5.88
N ALA A 429 -39.15 22.44 -6.63
CA ALA A 429 -39.33 23.49 -7.62
C ALA A 429 -40.03 22.97 -8.88
N SER A 430 -40.40 23.91 -9.75
CA SER A 430 -40.93 23.61 -11.07
C SER A 430 -39.89 23.94 -12.15
N ASP A 431 -40.20 23.54 -13.38
CA ASP A 431 -39.52 24.03 -14.59
C ASP A 431 -38.00 23.83 -14.56
N PHE A 432 -37.53 22.78 -13.90
CA PHE A 432 -36.09 22.56 -13.79
C PHE A 432 -35.45 22.38 -15.16
N ALA A 433 -34.30 23.01 -15.35
CA ALA A 433 -33.48 22.78 -16.53
C ALA A 433 -32.02 23.01 -16.18
N ASN A 434 -31.12 22.30 -16.88
CA ASN A 434 -29.70 22.53 -16.72
C ASN A 434 -29.21 23.68 -17.59
N ILE A 435 -28.20 24.38 -17.10
CA ILE A 435 -27.44 25.35 -17.88
C ILE A 435 -26.02 24.78 -17.96
N ILE A 436 -25.76 24.00 -19.01
CA ILE A 436 -24.64 23.07 -19.11
C ILE A 436 -23.31 23.78 -18.83
N GLY A 437 -22.57 23.29 -17.84
CA GLY A 437 -21.28 23.84 -17.49
C GLY A 437 -21.32 24.94 -16.44
N GLN A 438 -22.48 25.44 -16.07
CA GLN A 438 -22.54 26.62 -15.22
C GLN A 438 -23.50 26.43 -14.04
N GLY A 439 -24.56 25.66 -14.21
CA GLY A 439 -25.49 25.54 -13.10
C GLY A 439 -26.86 25.07 -13.57
N VAL A 440 -27.90 25.55 -12.88
CA VAL A 440 -29.27 25.12 -13.14
C VAL A 440 -30.21 26.31 -13.00
N SER A 441 -31.39 26.16 -13.60
CA SER A 441 -32.50 27.07 -13.39
C SER A 441 -33.72 26.26 -12.97
N ALA A 442 -34.61 26.91 -12.23
CA ALA A 442 -35.88 26.33 -11.84
C ALA A 442 -36.87 27.46 -11.59
N LYS A 443 -38.05 27.10 -11.11
CA LYS A 443 -39.06 28.07 -10.70
C LYS A 443 -39.58 27.70 -9.32
N VAL A 444 -39.57 28.67 -8.40
CA VAL A 444 -40.04 28.47 -7.04
C VAL A 444 -40.89 29.66 -6.65
N ASP A 445 -42.06 29.38 -6.06
CA ASP A 445 -42.98 30.41 -5.57
C ASP A 445 -43.26 31.45 -6.66
N SER A 446 -43.49 30.97 -7.89
CA SER A 446 -43.76 31.78 -9.07
C SER A 446 -42.60 32.68 -9.50
N LYS A 447 -41.40 32.47 -8.98
CA LYS A 447 -40.23 33.27 -9.33
C LYS A 447 -39.13 32.40 -9.94
N VAL A 448 -38.44 32.94 -10.94
CA VAL A 448 -37.34 32.23 -11.59
C VAL A 448 -36.13 32.21 -10.67
N VAL A 449 -35.61 31.01 -10.41
CA VAL A 449 -34.46 30.80 -9.55
C VAL A 449 -33.30 30.29 -10.39
N HIS A 450 -32.16 30.93 -10.28
CA HIS A 450 -30.91 30.43 -10.85
C HIS A 450 -29.96 30.05 -9.73
N ILE A 451 -29.33 28.88 -9.85
CA ILE A 451 -28.31 28.45 -8.89
C ILE A 451 -27.10 27.98 -9.68
N GLY A 452 -25.91 28.48 -9.32
CA GLY A 452 -24.74 27.94 -10.00
C GLY A 452 -23.47 28.73 -9.76
N LYS A 453 -22.51 28.49 -10.65
CA LYS A 453 -21.22 29.15 -10.64
C LYS A 453 -21.39 30.66 -10.84
N THR A 454 -20.36 31.41 -10.42
CA THR A 454 -20.33 32.85 -10.68
C THR A 454 -20.43 33.18 -12.17
N ALA A 455 -19.92 32.29 -13.04
CA ALA A 455 -19.94 32.58 -14.47
C ALA A 455 -21.34 32.51 -15.06
N LEU A 456 -22.27 31.80 -14.42
CA LEU A 456 -23.64 31.73 -14.93
C LEU A 456 -24.31 33.09 -14.94
N PHE A 457 -24.21 33.83 -13.82
CA PHE A 457 -24.92 35.09 -13.68
C PHE A 457 -24.37 36.18 -14.58
N GLU A 458 -23.13 36.03 -15.05
CA GLU A 458 -22.60 36.92 -16.07
C GLU A 458 -23.14 36.56 -17.44
N SER A 459 -23.75 35.38 -17.57
CA SER A 459 -24.11 34.80 -18.87
C SER A 459 -25.61 34.77 -19.13
N VAL A 460 -26.44 35.21 -18.18
CA VAL A 460 -27.89 35.05 -18.29
C VAL A 460 -28.58 36.38 -17.97
N ALA A 461 -29.88 36.40 -18.25
CA ALA A 461 -30.62 37.63 -18.49
C ALA A 461 -30.73 38.53 -17.25
N GLY A 462 -30.73 37.97 -16.06
CA GLY A 462 -31.14 38.74 -14.90
C GLY A 462 -30.17 39.82 -14.45
N LEU A 463 -30.43 40.29 -13.23
CA LEU A 463 -29.59 41.30 -12.58
C LEU A 463 -28.14 40.85 -12.49
N PRO A 464 -27.18 41.69 -12.86
CA PRO A 464 -25.77 41.31 -12.75
C PRO A 464 -25.35 41.10 -11.30
N LEU A 465 -24.29 40.31 -11.14
CA LEU A 465 -23.81 39.96 -9.80
C LEU A 465 -23.26 41.18 -9.07
N PRO A 466 -23.70 41.44 -7.84
CA PRO A 466 -23.16 42.58 -7.08
C PRO A 466 -21.67 42.44 -6.82
N ASP A 467 -20.98 43.58 -6.78
CA ASP A 467 -19.53 43.58 -6.59
C ASP A 467 -19.11 43.09 -5.21
N ASP A 468 -19.96 43.22 -4.19
CA ASP A 468 -19.56 42.77 -2.85
C ASP A 468 -19.83 41.28 -2.66
N LEU A 469 -20.96 40.80 -3.19
CA LEU A 469 -21.24 39.37 -3.15
C LEU A 469 -20.20 38.59 -3.92
N ARG A 470 -19.76 39.14 -5.06
CA ARG A 470 -18.68 38.55 -5.84
C ARG A 470 -17.44 38.32 -4.98
N GLY A 471 -17.05 39.33 -4.21
CA GLY A 471 -15.86 39.18 -3.38
C GLY A 471 -16.07 38.24 -2.21
N THR A 472 -17.26 38.25 -1.61
CA THR A 472 -17.56 37.31 -0.53
C THR A 472 -17.49 35.86 -1.00
N VAL A 473 -18.02 35.61 -2.21
CA VAL A 473 -17.92 34.29 -2.81
C VAL A 473 -16.46 33.95 -3.14
N GLU A 474 -15.72 34.89 -3.72
CA GLU A 474 -14.31 34.62 -4.02
C GLU A 474 -13.50 34.34 -2.76
N ALA A 475 -13.88 34.93 -1.63
CA ALA A 475 -13.25 34.59 -0.36
C ALA A 475 -13.63 33.20 0.12
N MET A 476 -14.87 32.77 -0.17
CA MET A 476 -15.22 31.38 0.11
C MET A 476 -14.42 30.40 -0.75
N SER A 477 -14.25 30.73 -2.03
CA SER A 477 -13.43 29.90 -2.93
C SER A 477 -11.97 29.85 -2.48
N GLN A 478 -11.42 30.98 -2.06
CA GLN A 478 -10.05 31.00 -1.57
C GLN A 478 -9.90 30.17 -0.30
N ASN A 479 -10.90 30.18 0.57
CA ASN A 479 -10.91 29.31 1.73
C ASN A 479 -11.33 27.87 1.41
N GLY A 480 -11.41 27.51 0.13
CA GLY A 480 -11.54 26.11 -0.25
C GLY A 480 -12.95 25.57 -0.36
N ARG A 481 -13.96 26.44 -0.33
CA ARG A 481 -15.33 26.00 -0.54
C ARG A 481 -15.68 26.01 -2.02
N THR A 482 -16.31 24.94 -2.48
CA THR A 482 -17.03 24.94 -3.74
C THR A 482 -18.33 25.72 -3.53
N THR A 483 -18.52 26.80 -4.29
CA THR A 483 -19.53 27.78 -3.97
C THR A 483 -20.61 27.81 -5.04
N MET A 484 -21.86 27.92 -4.61
CA MET A 484 -22.98 28.20 -5.49
C MET A 484 -23.61 29.52 -5.08
N ILE A 485 -24.03 30.30 -6.08
CA ILE A 485 -24.77 31.52 -5.86
C ILE A 485 -26.23 31.27 -6.23
N VAL A 486 -27.13 31.76 -5.39
CA VAL A 486 -28.57 31.59 -5.53
C VAL A 486 -29.21 32.95 -5.75
N ARG A 487 -30.03 33.05 -6.81
CA ARG A 487 -30.72 34.27 -7.24
C ARG A 487 -32.18 33.93 -7.53
N SER A 488 -33.09 34.84 -7.15
CA SER A 488 -34.53 34.61 -7.28
C SER A 488 -35.23 35.87 -7.75
N GLY A 489 -35.57 35.93 -9.04
CA GLY A 489 -36.13 37.13 -9.63
C GLY A 489 -35.22 38.34 -9.52
N ASP A 490 -35.76 39.43 -8.95
CA ASP A 490 -34.96 40.61 -8.68
C ASP A 490 -33.84 40.34 -7.68
N ARG A 491 -34.02 39.37 -6.80
CA ARG A 491 -33.26 39.27 -5.56
C ARG A 491 -32.21 38.17 -5.69
N TYR A 492 -30.95 38.51 -5.45
CA TYR A 492 -30.01 37.50 -5.00
C TYR A 492 -30.30 37.12 -3.56
N LEU A 493 -30.47 35.83 -3.32
CA LEU A 493 -30.65 35.36 -1.96
C LEU A 493 -29.33 35.09 -1.27
N GLY A 494 -28.26 34.87 -2.04
CA GLY A 494 -26.99 34.70 -1.38
C GLY A 494 -26.14 33.58 -1.92
N ALA A 495 -25.30 32.99 -1.08
CA ALA A 495 -24.42 31.93 -1.56
C ALA A 495 -24.22 30.85 -0.50
N ILE A 496 -23.96 29.64 -0.98
CA ILE A 496 -23.70 28.50 -0.13
C ILE A 496 -22.40 27.83 -0.53
N GLY A 497 -21.70 27.28 0.47
CA GLY A 497 -20.38 26.71 0.29
C GLY A 497 -20.31 25.29 0.83
N LEU A 498 -19.74 24.41 0.01
CA LEU A 498 -19.60 23.00 0.32
C LEU A 498 -18.13 22.63 0.28
N MET A 499 -17.70 21.73 1.18
CA MET A 499 -16.33 21.27 1.15
C MET A 499 -16.30 19.81 1.59
N ASP A 500 -15.34 19.05 1.06
CA ASP A 500 -15.06 17.71 1.54
C ASP A 500 -14.26 17.80 2.83
N THR A 501 -14.94 17.67 3.97
CA THR A 501 -14.33 17.90 5.28
C THR A 501 -13.41 16.76 5.68
N PRO A 502 -12.39 17.03 6.50
CA PRO A 502 -11.52 15.96 7.00
C PRO A 502 -12.23 15.02 7.97
N ARG A 503 -11.71 13.80 8.04
CA ARG A 503 -12.17 12.84 9.02
C ARG A 503 -11.92 13.38 10.42
N GLU A 504 -12.90 13.22 11.31
CA GLU A 504 -12.71 13.57 12.72
C GLU A 504 -11.48 12.86 13.29
N ASP A 505 -11.26 11.62 12.86
CA ASP A 505 -10.07 10.82 13.19
C ASP A 505 -8.75 11.58 13.02
N ALA A 506 -8.70 12.53 12.09
CA ALA A 506 -7.43 12.90 11.47
C ALA A 506 -6.53 13.70 12.40
N ARG A 507 -7.02 14.83 12.92
CA ARG A 507 -6.18 15.69 13.74
C ARG A 507 -5.60 14.93 14.94
N SER A 508 -6.44 14.09 15.56
CA SER A 508 -5.97 13.27 16.68
C SER A 508 -4.85 12.34 16.24
N VAL A 509 -5.00 11.69 15.08
CA VAL A 509 -3.99 10.70 14.71
C VAL A 509 -2.70 11.40 14.29
N ILE A 510 -2.80 12.58 13.67
CA ILE A 510 -1.62 13.32 13.25
C ILE A 510 -0.78 13.72 14.46
N ALA A 511 -1.42 14.38 15.44
CA ALA A 511 -0.68 14.77 16.63
C ALA A 511 -0.10 13.55 17.35
N ALA A 512 -0.85 12.45 17.41
CA ALA A 512 -0.32 11.22 18.01
C ALA A 512 0.95 10.77 17.33
N LEU A 513 0.95 10.71 15.99
CA LEU A 513 2.14 10.24 15.29
C LEU A 513 3.31 11.21 15.44
N ARG A 514 3.03 12.50 15.62
CA ARG A 514 4.13 13.42 15.95
C ARG A 514 4.77 13.07 17.28
N ASP A 515 3.97 12.67 18.27
CA ASP A 515 4.55 12.31 19.56
C ASP A 515 5.47 11.08 19.47
N LEU A 516 5.12 10.12 18.61
CA LEU A 516 6.00 8.97 18.35
C LEU A 516 7.22 9.31 17.51
N GLY A 517 7.43 10.57 17.15
CA GLY A 517 8.66 11.01 16.53
C GLY A 517 8.59 11.25 15.03
N LEU A 518 7.41 11.12 14.43
CA LEU A 518 7.23 11.43 13.02
C LEU A 518 7.06 12.95 12.88
N LYS A 519 8.18 13.66 13.04
CA LYS A 519 8.17 15.11 12.95
C LYS A 519 8.22 15.62 11.52
N ARG A 520 8.51 14.76 10.54
CA ARG A 520 8.49 15.12 9.12
C ARG A 520 7.19 14.59 8.51
N MET A 521 6.28 15.51 8.17
CA MET A 521 4.98 15.15 7.61
C MET A 521 4.56 16.17 6.56
N MET A 522 3.81 15.70 5.57
CA MET A 522 3.23 16.58 4.57
C MET A 522 1.97 15.95 3.98
N MET A 523 1.12 16.81 3.40
CA MET A 523 -0.01 16.37 2.59
C MET A 523 0.30 16.60 1.12
N ILE A 524 -0.01 15.61 0.29
CA ILE A 524 0.21 15.68 -1.15
C ILE A 524 -1.06 15.20 -1.86
N SER A 525 -1.82 16.14 -2.43
CA SER A 525 -3.12 15.85 -2.99
C SER A 525 -3.17 16.29 -4.45
N GLY A 526 -3.94 15.56 -5.26
CA GLY A 526 -4.24 15.99 -6.61
C GLY A 526 -5.33 17.04 -6.70
N ASP A 527 -6.04 17.28 -5.60
CA ASP A 527 -7.08 18.29 -5.53
C ASP A 527 -6.47 19.69 -5.49
N ASN A 528 -7.32 20.69 -5.76
CA ASN A 528 -6.82 22.05 -5.92
C ASN A 528 -6.28 22.59 -4.59
N GLN A 529 -5.38 23.58 -4.71
CA GLN A 529 -4.59 24.01 -3.56
C GLN A 529 -5.42 24.62 -2.43
N ASN A 530 -6.53 25.30 -2.75
CA ASN A 530 -7.31 25.95 -1.70
C ASN A 530 -7.96 24.93 -0.78
N VAL A 531 -8.48 23.84 -1.34
CA VAL A 531 -9.05 22.78 -0.52
C VAL A 531 -7.97 22.10 0.30
N ALA A 532 -6.79 21.91 -0.30
CA ALA A 532 -5.70 21.29 0.42
C ALA A 532 -5.26 22.14 1.60
N ASN A 533 -5.04 23.44 1.38
CA ASN A 533 -4.59 24.30 2.47
C ASN A 533 -5.65 24.42 3.56
N ALA A 534 -6.93 24.55 3.19
CA ALA A 534 -7.97 24.63 4.20
C ALA A 534 -8.05 23.35 5.04
N VAL A 535 -7.94 22.19 4.40
CA VAL A 535 -7.93 20.94 5.15
C VAL A 535 -6.61 20.75 5.90
N ALA A 536 -5.52 21.31 5.39
CA ALA A 536 -4.25 21.22 6.11
C ALA A 536 -4.30 21.99 7.41
N LYS A 537 -4.87 23.20 7.39
CA LYS A 537 -5.09 23.92 8.64
C LYS A 537 -6.03 23.16 9.56
N GLU A 538 -7.08 22.57 9.01
CA GLU A 538 -8.00 21.83 9.88
C GLU A 538 -7.35 20.60 10.50
N VAL A 539 -6.51 19.89 9.74
CA VAL A 539 -5.83 18.71 10.26
C VAL A 539 -4.56 19.06 11.03
N GLY A 540 -3.97 20.23 10.77
CA GLY A 540 -2.74 20.60 11.45
C GLY A 540 -1.48 20.12 10.77
N LEU A 541 -1.47 20.05 9.45
CA LEU A 541 -0.29 19.73 8.66
C LEU A 541 0.18 21.03 8.01
N ASP A 542 1.43 21.41 8.27
CA ASP A 542 1.89 22.74 7.88
C ASP A 542 2.38 22.82 6.44
N THR A 543 2.78 21.70 5.84
CA THR A 543 3.19 21.69 4.44
C THR A 543 2.22 20.84 3.64
N ALA A 544 1.58 21.46 2.64
CA ALA A 544 0.48 20.85 1.93
C ALA A 544 0.54 21.28 0.47
N PHE A 545 0.51 20.30 -0.42
CA PHE A 545 0.61 20.53 -1.86
C PHE A 545 -0.61 19.98 -2.56
N GLY A 546 -1.27 20.84 -3.33
CA GLY A 546 -2.33 20.43 -4.22
C GLY A 546 -1.92 20.51 -5.68
N ASP A 547 -2.90 20.26 -6.55
CA ASP A 547 -2.74 20.31 -8.00
C ASP A 547 -1.61 19.41 -8.50
N LEU A 548 -1.26 18.40 -7.70
CA LEU A 548 -0.22 17.43 -8.05
C LEU A 548 -0.72 16.39 -9.04
N MET A 549 0.16 16.00 -9.94
CA MET A 549 0.04 14.79 -10.75
C MET A 549 0.72 13.63 -10.04
N PRO A 550 0.42 12.38 -10.42
CA PRO A 550 1.05 11.23 -9.71
C PRO A 550 2.58 11.24 -9.67
N GLU A 551 3.22 11.65 -10.76
CA GLU A 551 4.68 11.79 -10.73
C GLU A 551 5.12 12.85 -9.73
N ASP A 552 4.31 13.89 -9.52
CA ASP A 552 4.72 14.92 -8.57
C ASP A 552 4.70 14.38 -7.14
N LYS A 553 3.78 13.45 -6.86
CA LYS A 553 3.78 12.77 -5.57
C LYS A 553 5.02 11.92 -5.41
N VAL A 554 5.44 11.26 -6.49
CA VAL A 554 6.69 10.51 -6.42
C VAL A 554 7.88 11.43 -6.16
N THR A 555 7.85 12.65 -6.70
CA THR A 555 8.95 13.59 -6.45
C THR A 555 9.02 14.02 -4.98
N LYS A 556 7.87 14.33 -4.38
CA LYS A 556 7.88 14.70 -2.97
C LYS A 556 8.32 13.53 -2.09
N ILE A 557 7.90 12.31 -2.46
CA ILE A 557 8.34 11.14 -1.71
C ILE A 557 9.85 10.97 -1.82
N ALA A 558 10.40 11.09 -3.03
CA ALA A 558 11.84 10.93 -3.19
C ALA A 558 12.60 11.94 -2.35
N ALA A 559 12.11 13.19 -2.30
CA ALA A 559 12.76 14.18 -1.45
C ALA A 559 12.67 13.83 0.04
N LEU A 560 11.71 12.98 0.42
CA LEU A 560 11.70 12.50 1.80
C LEU A 560 12.55 11.24 2.04
N LYS A 561 12.48 10.26 1.11
CA LYS A 561 13.20 9.00 1.22
C LYS A 561 14.71 9.21 1.28
N ALA A 562 15.21 10.31 0.71
CA ALA A 562 16.64 10.59 0.77
C ALA A 562 17.12 10.83 2.20
N ASP A 563 16.23 11.29 3.08
CA ASP A 563 16.63 11.70 4.42
C ASP A 563 16.08 10.80 5.53
N GLY A 564 15.30 9.79 5.19
CA GLY A 564 14.88 8.82 6.19
C GLY A 564 13.97 7.77 5.59
N GLY A 565 13.39 6.94 6.46
CA GLY A 565 12.25 6.13 6.08
C GLY A 565 11.02 6.99 5.86
N VAL A 566 10.25 6.66 4.82
CA VAL A 566 9.01 7.35 4.51
C VAL A 566 7.90 6.35 4.17
N ALA A 567 6.71 6.63 4.71
CA ALA A 567 5.51 5.87 4.40
C ALA A 567 4.57 6.74 3.58
N MET A 568 3.81 6.09 2.71
CA MET A 568 2.80 6.77 1.90
C MET A 568 1.46 6.15 2.20
N VAL A 569 0.50 6.97 2.63
CA VAL A 569 -0.85 6.52 2.93
C VAL A 569 -1.78 7.10 1.88
N GLY A 570 -2.52 6.21 1.21
CA GLY A 570 -3.35 6.65 0.10
C GLY A 570 -4.50 5.71 -0.20
N ASP A 571 -5.39 6.18 -1.08
CA ASP A 571 -6.58 5.44 -1.47
C ASP A 571 -6.79 5.26 -2.97
N GLY A 572 -6.00 5.90 -3.84
CA GLY A 572 -6.32 5.92 -5.26
C GLY A 572 -5.13 5.63 -6.17
N VAL A 573 -5.47 5.39 -7.45
CA VAL A 573 -4.46 5.09 -8.46
C VAL A 573 -3.33 6.11 -8.42
N ASN A 574 -3.67 7.40 -8.37
CA ASN A 574 -2.66 8.45 -8.43
C ASN A 574 -1.68 8.38 -7.26
N ASP A 575 -1.96 7.56 -6.24
CA ASP A 575 -1.03 7.34 -5.14
C ASP A 575 -0.15 6.11 -5.31
N ALA A 576 -0.54 5.16 -6.17
CA ALA A 576 0.15 3.88 -6.24
C ALA A 576 1.63 3.99 -6.62
N PRO A 577 2.05 4.84 -7.56
CA PRO A 577 3.50 5.07 -7.75
C PRO A 577 4.23 5.52 -6.49
N ALA A 578 3.65 6.46 -5.75
CA ALA A 578 4.29 6.90 -4.51
C ALA A 578 4.36 5.77 -3.49
N MET A 579 3.29 4.97 -3.40
CA MET A 579 3.31 3.80 -2.52
C MET A 579 4.41 2.83 -2.91
N ALA A 580 4.65 2.65 -4.21
CA ALA A 580 5.67 1.70 -4.63
C ALA A 580 7.08 2.22 -4.41
N ASN A 581 7.30 3.53 -4.61
CA ASN A 581 8.62 4.11 -4.43
C ASN A 581 8.94 4.45 -2.97
N ALA A 582 7.93 4.74 -2.15
CA ALA A 582 8.18 5.01 -0.74
C ALA A 582 8.76 3.79 -0.03
N THR A 583 9.21 4.02 1.20
CA THR A 583 9.73 2.90 2.00
C THR A 583 8.63 1.93 2.35
N VAL A 584 7.41 2.43 2.59
CA VAL A 584 6.30 1.51 2.81
C VAL A 584 4.99 2.14 2.33
N GLY A 585 4.24 1.39 1.53
CA GLY A 585 2.96 1.84 1.02
C GLY A 585 1.80 1.30 1.84
N ILE A 586 0.89 2.20 2.21
CA ILE A 586 -0.25 1.92 3.08
C ILE A 586 -1.51 2.38 2.36
N ALA A 587 -2.46 1.47 2.17
CA ALA A 587 -3.72 1.77 1.51
C ALA A 587 -4.87 1.79 2.52
N MET A 588 -5.81 2.71 2.29
CA MET A 588 -7.12 2.66 2.93
C MET A 588 -7.86 1.40 2.52
N GLY A 589 -8.11 0.50 3.47
CA GLY A 589 -8.54 -0.85 3.13
C GLY A 589 -9.92 -0.96 2.54
N ALA A 590 -10.80 0.00 2.79
CA ALA A 590 -12.15 -0.04 2.26
C ALA A 590 -12.39 0.94 1.12
N ALA A 591 -12.03 2.21 1.31
CA ALA A 591 -12.15 3.19 0.22
C ALA A 591 -11.16 2.94 -0.91
N GLY A 592 -10.08 2.20 -0.64
CA GLY A 592 -8.99 2.01 -1.58
C GLY A 592 -9.39 1.49 -2.95
N SER A 593 -8.77 2.04 -3.99
CA SER A 593 -8.76 1.38 -5.28
C SER A 593 -8.10 0.01 -5.16
N ASP A 594 -8.59 -0.93 -5.96
CA ASP A 594 -7.99 -2.27 -5.95
C ASP A 594 -6.51 -2.18 -6.33
N VAL A 595 -6.16 -1.27 -7.24
CA VAL A 595 -4.76 -0.99 -7.57
C VAL A 595 -3.97 -0.64 -6.31
N ALA A 596 -4.54 0.18 -5.44
CA ALA A 596 -3.82 0.58 -4.23
C ALA A 596 -3.72 -0.56 -3.23
N LEU A 597 -4.78 -1.34 -3.05
CA LEU A 597 -4.73 -2.46 -2.11
C LEU A 597 -3.76 -3.53 -2.57
N GLU A 598 -3.64 -3.74 -3.87
CA GLU A 598 -2.65 -4.68 -4.39
C GLU A 598 -1.24 -4.12 -4.24
N THR A 599 -1.03 -2.86 -4.60
CA THR A 599 0.30 -2.27 -4.56
C THR A 599 0.81 -2.08 -3.13
N ALA A 600 -0.06 -1.66 -2.21
CA ALA A 600 0.39 -1.32 -0.87
C ALA A 600 0.94 -2.53 -0.14
N ASP A 601 1.84 -2.25 0.82
CA ASP A 601 2.40 -3.26 1.70
C ASP A 601 1.62 -3.39 2.99
N ILE A 602 0.81 -2.39 3.30
CA ILE A 602 -0.03 -2.33 4.49
C ILE A 602 -1.41 -1.91 4.02
N ALA A 603 -2.46 -2.49 4.60
CA ALA A 603 -3.82 -2.00 4.39
C ALA A 603 -4.55 -1.81 5.71
N LEU A 604 -5.12 -0.63 5.88
CA LEU A 604 -5.89 -0.30 7.09
C LEU A 604 -7.33 -0.73 6.85
N MET A 605 -7.63 -2.00 7.16
CA MET A 605 -8.88 -2.61 6.73
C MET A 605 -10.11 -1.92 7.32
N ALA A 606 -9.96 -1.21 8.42
CA ALA A 606 -11.09 -0.47 8.99
C ALA A 606 -11.36 0.85 8.28
N ASP A 607 -10.42 1.35 7.48
CA ASP A 607 -10.30 2.79 7.19
C ASP A 607 -10.24 3.61 8.48
N ASP A 608 -9.66 3.02 9.52
CA ASP A 608 -9.44 3.70 10.79
C ASP A 608 -7.99 4.15 10.82
N LEU A 609 -7.77 5.46 10.96
CA LEU A 609 -6.42 6.00 10.98
C LEU A 609 -5.72 5.75 12.31
N GLN A 610 -6.46 5.50 13.38
CA GLN A 610 -5.85 5.19 14.67
C GLN A 610 -5.11 3.86 14.67
N THR A 611 -5.28 3.04 13.63
CA THR A 611 -4.44 1.87 13.46
C THR A 611 -2.99 2.23 13.19
N LEU A 612 -2.70 3.44 12.71
CA LEU A 612 -1.32 3.80 12.38
C LEU A 612 -0.43 3.88 13.60
N PRO A 613 -0.74 4.64 14.66
CA PRO A 613 0.04 4.53 15.90
C PRO A 613 0.24 3.10 16.39
N PHE A 614 -0.81 2.28 16.34
CA PHE A 614 -0.67 0.88 16.71
C PHE A 614 0.31 0.15 15.80
N ALA A 615 0.20 0.40 14.48
CA ALA A 615 1.03 -0.32 13.52
C ALA A 615 2.51 0.03 13.70
N VAL A 616 2.83 1.29 13.92
CA VAL A 616 4.23 1.61 14.18
C VAL A 616 4.66 1.07 15.54
N GLY A 617 3.78 1.16 16.55
CA GLY A 617 4.16 0.67 17.87
C GLY A 617 4.46 -0.80 17.88
N LEU A 618 3.58 -1.62 17.28
CA LEU A 618 3.84 -3.04 17.20
C LEU A 618 5.13 -3.31 16.44
N SER A 619 5.34 -2.56 15.36
CA SER A 619 6.56 -2.74 14.58
C SER A 619 7.78 -2.60 15.46
N ARG A 620 7.80 -1.54 16.29
CA ARG A 620 8.98 -1.31 17.11
C ARG A 620 9.24 -2.48 18.06
N LYS A 621 8.18 -2.94 18.76
CA LYS A 621 8.37 -4.11 19.62
C LYS A 621 8.77 -5.34 18.81
N THR A 622 8.21 -5.48 17.61
CA THR A 622 8.59 -6.61 16.76
C THR A 622 10.07 -6.55 16.41
N SER A 623 10.61 -5.35 16.19
CA SER A 623 12.04 -5.24 15.95
C SER A 623 12.84 -5.58 17.21
N ARG A 624 12.39 -5.14 18.38
CA ARG A 624 13.10 -5.48 19.61
C ARG A 624 13.13 -6.98 19.87
N ILE A 625 11.98 -7.64 19.74
CA ILE A 625 11.89 -9.07 20.04
C ILE A 625 12.86 -9.88 19.19
N ILE A 626 12.93 -9.61 17.90
CA ILE A 626 13.90 -10.33 17.09
C ILE A 626 15.32 -9.87 17.34
N ARG A 627 15.52 -8.58 17.67
CA ARG A 627 16.87 -8.13 18.02
C ARG A 627 17.44 -8.93 19.17
N LEU A 628 16.66 -9.08 20.24
CA LEU A 628 17.12 -9.86 21.36
C LEU A 628 17.27 -11.32 20.96
N ASN A 629 16.26 -11.86 20.26
CA ASN A 629 16.34 -13.24 19.81
C ASN A 629 17.51 -13.46 18.88
N LEU A 630 17.99 -12.41 18.21
CA LEU A 630 19.08 -12.63 17.28
C LEU A 630 20.37 -12.96 18.03
N TRP A 631 20.66 -12.20 19.10
CA TRP A 631 21.92 -12.44 19.81
C TRP A 631 21.87 -13.68 20.70
N PHE A 632 20.69 -14.09 21.13
CA PHE A 632 20.56 -15.43 21.69
C PHE A 632 20.91 -16.49 20.64
N SER A 633 20.31 -16.35 19.44
CA SER A 633 20.48 -17.39 18.42
C SER A 633 21.92 -17.47 17.95
N LEU A 634 22.59 -16.34 17.87
CA LEU A 634 24.00 -16.36 17.50
C LEU A 634 24.84 -16.92 18.65
N GLY A 635 24.64 -16.39 19.86
CA GLY A 635 25.46 -16.85 20.98
C GLY A 635 25.39 -18.35 21.21
N VAL A 636 24.19 -18.92 21.16
CA VAL A 636 24.01 -20.37 21.33
C VAL A 636 24.88 -21.15 20.37
N VAL A 637 25.15 -20.58 19.19
CA VAL A 637 26.06 -21.21 18.25
C VAL A 637 27.47 -20.71 18.54
N ALA A 638 27.66 -19.39 18.52
CA ALA A 638 29.01 -18.83 18.58
C ALA A 638 29.72 -19.14 19.89
N LEU A 639 28.96 -19.32 20.97
CA LEU A 639 29.56 -19.65 22.26
C LEU A 639 29.75 -21.14 22.48
N LEU A 640 29.01 -21.98 21.73
CA LEU A 640 29.10 -23.42 21.91
C LEU A 640 29.81 -24.13 20.76
N ILE A 641 30.17 -23.42 19.69
CA ILE A 641 31.21 -23.92 18.79
C ILE A 641 32.49 -24.29 19.55
N PRO A 642 33.06 -23.43 20.40
CA PRO A 642 34.24 -23.86 21.14
C PRO A 642 33.93 -24.91 22.21
N ALA A 643 32.71 -24.87 22.78
CA ALA A 643 32.32 -25.89 23.75
C ALA A 643 32.24 -27.27 23.12
N THR A 644 31.96 -27.35 21.81
CA THR A 644 32.08 -28.63 21.12
C THR A 644 33.46 -28.86 20.55
N LEU A 645 34.25 -27.81 20.33
CA LEU A 645 35.63 -28.03 19.93
C LEU A 645 36.40 -28.56 21.13
N PHE A 646 35.87 -28.33 22.32
CA PHE A 646 36.39 -28.82 23.60
C PHE A 646 35.96 -30.25 23.85
N GLY A 647 35.26 -30.85 22.88
CA GLY A 647 34.86 -32.25 22.90
C GLY A 647 33.42 -32.59 23.25
N LEU A 648 32.54 -31.60 23.44
CA LEU A 648 31.13 -31.92 23.65
C LEU A 648 30.59 -32.63 22.41
N GLY A 649 29.62 -33.52 22.59
CA GLY A 649 29.16 -34.34 21.46
C GLY A 649 27.84 -33.92 20.85
N ILE A 650 27.11 -34.92 20.36
CA ILE A 650 25.79 -34.73 19.74
C ILE A 650 24.68 -34.65 20.79
N GLY A 651 24.81 -35.41 21.88
CA GLY A 651 23.88 -35.37 22.99
C GLY A 651 23.64 -33.98 23.52
N PRO A 652 24.69 -33.20 23.76
CA PRO A 652 24.44 -31.83 24.21
C PRO A 652 23.94 -30.95 23.07
N ALA A 653 24.28 -31.30 21.82
CA ALA A 653 23.91 -30.50 20.67
C ALA A 653 22.40 -30.39 20.58
N VAL A 654 21.72 -31.54 20.54
CA VAL A 654 20.27 -31.51 20.36
C VAL A 654 19.64 -30.74 21.51
N LEU A 655 20.09 -30.97 22.76
CA LEU A 655 19.46 -30.33 23.91
C LEU A 655 19.60 -28.82 23.83
N VAL A 656 20.81 -28.33 23.53
CA VAL A 656 21.01 -26.87 23.53
C VAL A 656 20.19 -26.27 22.40
N HIS A 657 20.16 -26.94 21.23
CA HIS A 657 19.43 -26.39 20.09
C HIS A 657 17.96 -26.35 20.43
N GLU A 658 17.47 -27.38 21.12
CA GLU A 658 16.06 -27.45 21.51
C GLU A 658 15.74 -26.28 22.42
N GLY A 659 16.61 -26.05 23.40
CA GLY A 659 16.36 -24.97 24.35
C GLY A 659 16.33 -23.64 23.64
N SER A 660 17.28 -23.44 22.71
CA SER A 660 17.37 -22.16 22.02
C SER A 660 16.11 -21.93 21.19
N THR A 661 15.66 -22.98 20.48
CA THR A 661 14.50 -22.83 19.62
C THR A 661 13.29 -22.52 20.47
N LEU A 662 13.16 -23.22 21.61
CA LEU A 662 11.98 -23.01 22.44
C LEU A 662 11.97 -21.58 22.96
N VAL A 663 13.13 -21.09 23.42
CA VAL A 663 13.18 -19.75 24.00
C VAL A 663 12.84 -18.72 22.92
N VAL A 664 13.39 -18.88 21.72
CA VAL A 664 13.16 -17.87 20.68
C VAL A 664 11.69 -17.86 20.32
N VAL A 665 11.08 -19.05 20.19
CA VAL A 665 9.67 -19.13 19.80
C VAL A 665 8.81 -18.47 20.86
N ALA A 666 9.10 -18.76 22.13
CA ALA A 666 8.25 -18.26 23.20
C ALA A 666 8.38 -16.75 23.30
N ASN A 667 9.61 -16.23 23.21
CA ASN A 667 9.80 -14.79 23.23
C ASN A 667 9.03 -14.14 22.08
N ALA A 668 9.11 -14.72 20.87
CA ALA A 668 8.38 -14.18 19.73
C ALA A 668 6.88 -14.11 20.02
N LEU A 669 6.34 -15.16 20.66
CA LEU A 669 4.92 -15.20 20.98
C LEU A 669 4.45 -14.08 21.91
N ARG A 670 5.37 -13.30 22.50
CA ARG A 670 4.97 -12.12 23.26
C ARG A 670 4.14 -11.15 22.44
N LEU A 671 4.40 -11.06 21.14
CA LEU A 671 3.74 -10.06 20.30
C LEU A 671 2.24 -10.25 20.25
N LEU A 672 1.74 -11.47 20.46
CA LEU A 672 0.30 -11.70 20.47
C LEU A 672 -0.40 -10.96 21.60
N ALA A 673 0.32 -10.60 22.67
CA ALA A 673 -0.26 -9.88 23.80
C ALA A 673 -0.17 -8.37 23.66
N PHE A 674 0.45 -7.86 22.60
CA PHE A 674 0.68 -6.42 22.45
C PHE A 674 -0.65 -5.68 22.47
N LYS A 675 -0.66 -4.50 23.08
CA LYS A 675 -1.91 -3.79 23.32
C LYS A 675 -1.95 -2.44 22.59
N ASP A 676 -3.17 -2.08 22.17
CA ASP A 676 -3.36 -0.83 21.41
C ASP A 676 -3.07 0.41 22.24
N ASN A 677 -3.50 0.43 23.51
CA ASN A 677 -3.37 1.60 24.36
C ASN A 677 -4.01 2.82 23.72
N ARG A 678 -5.13 2.58 23.02
CA ARG A 678 -5.84 3.61 22.27
C ARG A 678 -6.39 4.70 23.18
#